data_2OQG
#
_entry.id   2OQG
#
_cell.length_a   33.872
_cell.length_b   57.494
_cell.length_c   101.103
_cell.angle_alpha   90.00
_cell.angle_beta   96.54
_cell.angle_gamma   90.00
#
_symmetry.space_group_name_H-M   'P 1 21 1'
#
loop_
_entity.id
_entity.type
_entity.pdbx_description
1 polymer 'Possible transcriptional regulator, ArsR family protein'
2 non-polymer 'ACETIC ACID'
3 water water
#
_entity_poly.entity_id   1
_entity_poly.type   'polypeptide(L)'
_entity_poly.pdbx_seq_one_letter_code
;QG(MSE)TVGTYAELASVFAALSDETRWEILTELGRADQSASSLATRLPVSRQAIAKHLNALQACGLVESVKVGREIRYR
ALGAELNKTARTLERIGAEWDRRLAAIKQIAES(MSE)EEGS
;
_entity_poly.pdbx_strand_id   A,B,C,D
#
# COMPACT_ATOMS: atom_id res chain seq x y z
N GLY A 2 27.95 -7.84 24.49
CA GLY A 2 26.94 -7.61 23.41
C GLY A 2 25.68 -8.20 23.94
N THR A 4 24.11 -7.91 26.83
CA THR A 4 23.76 -7.18 28.00
C THR A 4 22.30 -7.53 28.16
N VAL A 5 21.72 -7.22 29.31
CA VAL A 5 20.31 -7.41 29.51
C VAL A 5 19.45 -6.46 28.67
N GLY A 6 19.98 -5.28 28.36
CA GLY A 6 19.35 -4.31 27.48
C GLY A 6 19.07 -4.87 26.09
N THR A 7 20.10 -5.53 25.54
CA THR A 7 19.94 -6.21 24.23
C THR A 7 18.83 -7.24 24.30
N TYR A 8 18.83 -8.06 25.35
CA TYR A 8 17.82 -9.13 25.42
C TYR A 8 16.46 -8.49 25.52
N ALA A 9 16.34 -7.45 26.34
CA ALA A 9 15.01 -6.86 26.60
C ALA A 9 14.47 -6.22 25.33
N GLU A 10 15.39 -5.70 24.51
N GLU A 10 15.38 -5.68 24.51
CA GLU A 10 15.03 -5.03 23.28
CA GLU A 10 14.97 -5.02 23.27
C GLU A 10 14.66 -6.00 22.17
C GLU A 10 14.55 -6.06 22.26
N LEU A 11 15.31 -7.15 22.17
CA LEU A 11 15.04 -8.20 21.15
C LEU A 11 14.13 -9.35 21.56
N ALA A 12 13.76 -9.39 22.84
CA ALA A 12 13.00 -10.51 23.38
C ALA A 12 11.71 -10.82 22.60
N SER A 13 11.00 -9.77 22.21
CA SER A 13 9.71 -9.99 21.50
C SER A 13 9.96 -10.55 20.11
N VAL A 14 11.05 -10.10 19.48
CA VAL A 14 11.42 -10.69 18.18
C VAL A 14 11.83 -12.13 18.35
N PHE A 15 12.69 -12.43 19.34
CA PHE A 15 13.08 -13.82 19.53
C PHE A 15 11.82 -14.66 19.73
N ALA A 16 10.91 -14.21 20.57
CA ALA A 16 9.69 -14.99 20.83
C ALA A 16 8.91 -15.18 19.50
N ALA A 17 8.81 -14.11 18.72
CA ALA A 17 8.02 -14.18 17.49
C ALA A 17 8.63 -15.24 16.55
N LEU A 18 9.97 -15.25 16.50
CA LEU A 18 10.69 -16.10 15.54
C LEU A 18 10.90 -17.56 16.12
N SER A 19 10.36 -17.83 17.30
N SER A 19 10.34 -17.81 17.31
CA SER A 19 10.58 -19.13 17.91
CA SER A 19 10.50 -19.10 17.99
C SER A 19 9.53 -20.15 17.47
C SER A 19 9.52 -20.14 17.48
N ASP A 20 8.63 -19.72 16.59
CA ASP A 20 7.48 -20.54 16.15
C ASP A 20 7.50 -20.79 14.66
N GLU A 21 7.50 -22.08 14.27
N GLU A 21 7.49 -22.07 14.27
CA GLU A 21 7.53 -22.47 12.87
CA GLU A 21 7.55 -22.46 12.85
C GLU A 21 6.35 -21.90 12.09
C GLU A 21 6.33 -21.98 12.05
N THR A 22 5.17 -21.89 12.71
CA THR A 22 3.98 -21.31 12.05
C THR A 22 4.19 -19.82 11.72
N ARG A 23 4.80 -19.05 12.63
CA ARG A 23 5.06 -17.63 12.34
C ARG A 23 6.06 -17.51 11.18
N TRP A 24 7.06 -18.42 11.07
CA TRP A 24 7.96 -18.40 9.91
C TRP A 24 7.21 -18.67 8.60
N GLU A 25 6.24 -19.58 8.68
N GLU A 25 6.26 -19.59 8.64
CA GLU A 25 5.38 -19.93 7.52
CA GLU A 25 5.46 -19.84 7.42
C GLU A 25 4.61 -18.68 7.08
C GLU A 25 4.74 -18.55 7.06
N ILE A 26 4.09 -17.91 8.04
CA ILE A 26 3.36 -16.67 7.75
C ILE A 26 4.30 -15.63 7.18
N LEU A 27 5.45 -15.47 7.82
CA LEU A 27 6.41 -14.45 7.39
C LEU A 27 6.84 -14.74 5.94
N THR A 28 7.09 -16.01 5.64
CA THR A 28 7.56 -16.37 4.31
C THR A 28 6.49 -16.02 3.26
N GLU A 29 5.25 -16.35 3.57
CA GLU A 29 4.15 -15.93 2.70
C GLU A 29 4.12 -14.41 2.50
N LEU A 30 4.18 -13.68 3.61
CA LEU A 30 4.05 -12.22 3.58
C LEU A 30 5.26 -11.48 3.04
N GLY A 31 6.39 -12.18 2.99
CA GLY A 31 7.60 -11.62 2.41
C GLY A 31 7.59 -11.79 0.89
N ARG A 32 6.77 -12.73 0.39
N ARG A 32 6.77 -12.71 0.36
CA ARG A 32 6.63 -13.02 -1.04
CA ARG A 32 6.68 -12.94 -1.10
C ARG A 32 5.63 -12.08 -1.72
C ARG A 32 5.57 -12.13 -1.79
N ALA A 33 4.48 -11.87 -1.07
CA ALA A 33 3.42 -11.06 -1.63
C ALA A 33 2.59 -10.56 -0.47
N ASP A 34 2.13 -9.30 -0.52
CA ASP A 34 1.15 -8.79 0.50
C ASP A 34 -0.11 -9.64 0.46
N GLN A 35 -0.59 -10.11 1.62
CA GLN A 35 -1.78 -11.01 1.65
C GLN A 35 -2.70 -10.64 2.77
N SER A 36 -3.98 -10.96 2.60
CA SER A 36 -4.91 -10.75 3.66
C SER A 36 -4.86 -11.88 4.67
N ALA A 37 -5.47 -11.65 5.81
CA ALA A 37 -5.59 -12.71 6.78
C ALA A 37 -6.37 -13.89 6.19
N SER A 38 -7.38 -13.62 5.37
N SER A 38 -7.42 -13.58 5.44
CA SER A 38 -8.18 -14.71 4.78
CA SER A 38 -8.25 -14.59 4.83
C SER A 38 -7.43 -15.43 3.65
C SER A 38 -7.37 -15.48 3.95
N SER A 39 -6.51 -14.75 2.98
N SER A 39 -6.57 -14.87 3.07
CA SER A 39 -5.58 -15.45 2.11
CA SER A 39 -5.67 -15.59 2.17
C SER A 39 -4.78 -16.45 2.98
C SER A 39 -4.64 -16.44 2.91
N LEU A 40 -4.20 -15.98 4.07
CA LEU A 40 -3.35 -16.83 4.93
C LEU A 40 -4.10 -18.05 5.47
N ALA A 41 -5.32 -17.81 5.95
CA ALA A 41 -6.20 -18.88 6.46
C ALA A 41 -6.55 -19.92 5.41
N THR A 42 -6.69 -19.49 4.17
CA THR A 42 -7.00 -20.42 3.10
C THR A 42 -5.77 -21.29 2.78
N ARG A 43 -4.59 -20.73 3.04
N ARG A 43 -4.58 -20.73 3.06
CA ARG A 43 -3.34 -21.40 2.69
CA ARG A 43 -3.30 -21.34 2.69
C ARG A 43 -2.86 -22.37 3.77
C ARG A 43 -2.76 -22.30 3.75
N LEU A 44 -2.93 -21.93 5.02
CA LEU A 44 -2.32 -22.65 6.14
C LEU A 44 -3.35 -23.30 7.02
N PRO A 45 -2.98 -24.43 7.65
CA PRO A 45 -3.88 -25.14 8.56
C PRO A 45 -3.86 -24.49 9.98
N VAL A 46 -4.28 -23.25 10.02
CA VAL A 46 -4.25 -22.42 11.20
C VAL A 46 -5.57 -21.70 11.15
N SER A 47 -6.26 -21.62 12.27
CA SER A 47 -7.52 -20.94 12.30
C SER A 47 -7.37 -19.46 12.08
N ARG A 48 -8.43 -18.82 11.60
N ARG A 48 -8.44 -18.83 11.62
CA ARG A 48 -8.46 -17.38 11.36
CA ARG A 48 -8.49 -17.40 11.35
C ARG A 48 -8.15 -16.59 12.62
C ARG A 48 -8.16 -16.61 12.61
N GLN A 49 -8.66 -17.05 13.76
CA GLN A 49 -8.40 -16.37 15.04
C GLN A 49 -6.96 -16.52 15.49
N ALA A 50 -6.38 -17.69 15.23
CA ALA A 50 -4.95 -17.90 15.55
C ALA A 50 -4.09 -17.04 14.59
N ILE A 51 -4.48 -16.98 13.32
CA ILE A 51 -3.72 -16.13 12.35
C ILE A 51 -3.74 -14.68 12.83
N ALA A 52 -4.91 -14.21 13.25
CA ALA A 52 -5.04 -12.83 13.79
C ALA A 52 -4.07 -12.59 14.94
N LYS A 53 -3.97 -13.57 15.86
CA LYS A 53 -3.12 -13.46 17.02
C LYS A 53 -1.65 -13.42 16.60
N HIS A 54 -1.26 -14.32 15.69
CA HIS A 54 0.11 -14.33 15.15
C HIS A 54 0.40 -12.98 14.48
N LEU A 55 -0.52 -12.49 13.66
CA LEU A 55 -0.31 -11.21 12.96
C LEU A 55 -0.11 -10.06 13.94
N ASN A 56 -0.91 -10.07 15.00
CA ASN A 56 -0.81 -8.97 16.00
C ASN A 56 0.57 -9.03 16.65
N ALA A 57 1.02 -10.25 16.96
CA ALA A 57 2.33 -10.42 17.63
C ALA A 57 3.42 -9.96 16.67
N LEU A 58 3.30 -10.39 15.42
CA LEU A 58 4.30 -9.96 14.40
C LEU A 58 4.31 -8.44 14.17
N GLN A 59 3.14 -7.79 14.14
CA GLN A 59 3.13 -6.33 13.97
C GLN A 59 3.68 -5.63 15.18
N ALA A 60 3.39 -6.19 16.37
CA ALA A 60 3.81 -5.50 17.61
C ALA A 60 5.31 -5.45 17.74
N CYS A 61 6.02 -6.41 17.18
CA CYS A 61 7.47 -6.42 17.34
C CYS A 61 8.13 -5.93 16.05
N GLY A 62 7.33 -5.46 15.09
CA GLY A 62 7.87 -4.79 13.91
C GLY A 62 8.23 -5.68 12.73
N LEU A 63 7.86 -6.95 12.80
CA LEU A 63 8.20 -7.88 11.72
C LEU A 63 7.22 -7.86 10.54
N VAL A 64 6.04 -7.32 10.82
CA VAL A 64 4.94 -7.20 9.82
C VAL A 64 4.31 -5.85 9.93
N GLU A 65 3.89 -5.31 8.76
CA GLU A 65 3.05 -4.13 8.79
C GLU A 65 1.72 -4.40 8.04
N SER A 66 0.64 -3.77 8.50
CA SER A 66 -0.57 -3.77 7.73
C SER A 66 -0.48 -2.76 6.59
N VAL A 67 -1.15 -3.11 5.49
CA VAL A 67 -1.15 -2.35 4.27
C VAL A 67 -2.65 -2.18 3.96
N LYS A 68 -3.21 -1.02 4.20
CA LYS A 68 -4.65 -0.90 3.98
C LYS A 68 -4.88 0.03 2.80
N VAL A 69 -5.44 -0.51 1.74
CA VAL A 69 -5.61 0.26 0.56
C VAL A 69 -7.10 0.36 0.28
N GLY A 70 -7.61 1.58 0.35
CA GLY A 70 -9.04 1.74 0.45
C GLY A 70 -9.56 0.91 1.62
N ARG A 71 -10.48 0.01 1.33
N ARG A 71 -10.53 0.05 1.36
CA ARG A 71 -11.13 -0.82 2.34
CA ARG A 71 -11.09 -0.82 2.40
C ARG A 71 -10.37 -2.15 2.56
C ARG A 71 -10.27 -2.11 2.63
N GLU A 72 -9.42 -2.45 1.68
CA GLU A 72 -8.75 -3.79 1.66
C GLU A 72 -7.55 -3.81 2.62
N ILE A 73 -7.48 -4.81 3.50
CA ILE A 73 -6.37 -4.92 4.47
C ILE A 73 -5.52 -6.13 4.15
N ARG A 74 -4.24 -5.87 3.88
CA ARG A 74 -3.29 -6.93 3.64
C ARG A 74 -2.11 -6.73 4.56
N TYR A 75 -1.21 -7.71 4.59
CA TYR A 75 -0.04 -7.65 5.50
C TYR A 75 1.24 -7.88 4.74
N ARG A 76 2.35 -7.35 5.25
CA ARG A 76 3.61 -7.40 4.51
C ARG A 76 4.72 -7.66 5.54
N ALA A 77 5.63 -8.59 5.27
CA ALA A 77 6.80 -8.83 6.14
C ALA A 77 7.80 -7.73 5.86
N LEU A 78 8.53 -7.37 6.91
CA LEU A 78 9.52 -6.31 6.88
C LEU A 78 10.87 -6.82 7.32
N GLY A 79 11.93 -6.45 6.56
CA GLY A 79 13.26 -6.93 6.92
C GLY A 79 13.95 -6.22 8.06
N ALA A 80 13.55 -4.98 8.38
CA ALA A 80 14.29 -4.16 9.40
C ALA A 80 14.63 -4.88 10.70
N GLU A 81 13.67 -5.56 11.32
CA GLU A 81 14.00 -6.22 12.58
C GLU A 81 14.81 -7.50 12.41
N LEU A 82 14.71 -8.17 11.25
CA LEU A 82 15.50 -9.33 10.99
C LEU A 82 16.92 -8.83 10.78
N ASN A 83 17.07 -7.68 10.13
CA ASN A 83 18.44 -7.14 9.90
C ASN A 83 19.09 -6.71 11.20
N LYS A 84 18.30 -6.09 12.07
CA LYS A 84 18.84 -5.63 13.35
C LYS A 84 19.26 -6.85 14.16
N THR A 85 18.37 -7.85 14.19
CA THR A 85 18.70 -9.06 14.94
C THR A 85 19.97 -9.72 14.41
N ALA A 86 20.04 -9.81 13.07
CA ALA A 86 21.20 -10.41 12.48
C ALA A 86 22.50 -9.64 12.84
N ARG A 87 22.44 -8.31 12.86
CA ARG A 87 23.68 -7.54 13.17
C ARG A 87 24.09 -7.85 14.63
N THR A 88 23.10 -7.92 15.53
CA THR A 88 23.40 -8.19 16.93
C THR A 88 23.98 -9.60 17.07
N LEU A 89 23.38 -10.59 16.41
CA LEU A 89 23.91 -11.97 16.52
C LEU A 89 25.31 -12.10 15.92
N GLU A 90 25.61 -11.31 14.88
N GLU A 90 25.53 -11.40 14.81
CA GLU A 90 26.99 -11.22 14.36
CA GLU A 90 26.85 -11.38 14.15
C GLU A 90 27.98 -10.62 15.34
C GLU A 90 27.88 -10.81 15.09
N ARG A 91 27.58 -9.55 16.00
N ARG A 91 27.53 -9.72 15.77
CA ARG A 91 28.50 -8.88 16.91
CA ARG A 91 28.46 -9.05 16.71
C ARG A 91 28.80 -9.77 18.10
C ARG A 91 28.82 -9.98 17.86
N ILE A 92 27.79 -10.53 18.53
CA ILE A 92 27.97 -11.40 19.71
C ILE A 92 28.81 -12.59 19.27
N GLY A 93 28.54 -13.11 18.05
CA GLY A 93 29.30 -14.26 17.52
C GLY A 93 30.78 -13.94 17.34
N ALA A 94 31.05 -12.73 16.85
CA ALA A 94 32.42 -12.23 16.69
C ALA A 94 33.12 -12.13 18.03
N GLU A 95 32.44 -11.63 19.09
N GLU A 95 32.42 -11.60 19.05
CA GLU A 95 33.08 -11.55 20.40
CA GLU A 95 32.94 -11.52 20.39
C GLU A 95 33.38 -12.96 20.97
C GLU A 95 33.36 -12.92 20.93
N TRP A 96 32.47 -13.91 20.77
CA TRP A 96 32.74 -15.27 21.26
C TRP A 96 33.95 -15.84 20.52
N ASP A 97 34.00 -15.56 19.22
CA ASP A 97 35.15 -16.04 18.37
C ASP A 97 36.47 -15.42 18.81
N ARG A 98 36.46 -14.11 19.05
N ARG A 98 36.41 -14.17 19.30
CA ARG A 98 37.70 -13.42 19.47
CA ARG A 98 37.62 -13.58 19.93
C ARG A 98 38.17 -14.06 20.77
C ARG A 98 38.04 -14.13 21.31
N ARG A 99 37.18 -14.33 21.63
N ARG A 99 37.07 -14.47 22.15
CA ARG A 99 37.43 -14.88 22.93
CA ARG A 99 37.39 -15.13 23.40
C ARG A 99 38.10 -16.27 22.80
C ARG A 99 38.00 -16.50 23.05
N LEU A 100 37.48 -17.13 22.00
CA LEU A 100 37.99 -18.47 21.70
C LEU A 100 39.44 -18.36 21.17
N ALA A 101 39.70 -17.40 20.27
CA ALA A 101 41.07 -17.23 19.69
C ALA A 101 42.08 -16.92 20.80
N ALA A 102 41.72 -16.06 21.78
CA ALA A 102 42.60 -15.77 22.92
C ALA A 102 42.95 -17.04 23.70
N ILE A 103 41.95 -17.87 23.95
CA ILE A 103 42.15 -19.11 24.68
C ILE A 103 43.02 -20.12 23.93
N LYS A 104 42.76 -20.26 22.62
CA LYS A 104 43.57 -21.17 21.78
C LYS A 104 44.99 -20.67 21.78
N GLN A 105 45.16 -19.37 21.71
CA GLN A 105 46.50 -18.80 21.57
C GLN A 105 47.27 -19.01 22.88
N ILE A 106 46.62 -18.79 24.05
CA ILE A 106 47.34 -18.97 25.31
C ILE A 106 47.64 -20.45 25.60
N ALA A 107 46.84 -21.37 25.06
CA ALA A 107 47.17 -22.77 25.21
C ALA A 107 48.50 -23.12 24.49
N GLU A 108 48.85 -22.34 23.47
CA GLU A 108 50.13 -22.54 22.79
C GLU A 108 51.35 -21.93 23.50
N SER A 109 51.14 -21.06 24.48
CA SER A 109 52.31 -20.34 25.01
C SER A 109 53.23 -21.30 25.73
N THR B 4 -29.65 9.24 -19.62
CA THR B 4 -30.82 9.13 -18.79
C THR B 4 -30.60 9.96 -17.55
N VAL B 5 -31.67 10.20 -16.80
CA VAL B 5 -31.53 10.90 -15.54
C VAL B 5 -30.92 9.96 -14.49
N GLY B 6 -30.98 8.65 -14.76
CA GLY B 6 -30.28 7.66 -13.94
C GLY B 6 -28.78 7.73 -14.14
N THR B 7 -28.35 8.00 -15.37
CA THR B 7 -26.94 8.25 -15.65
C THR B 7 -26.54 9.47 -14.83
N TYR B 8 -27.35 10.52 -14.89
CA TYR B 8 -26.96 11.74 -14.14
C TYR B 8 -26.91 11.43 -12.63
N ALA B 9 -27.96 10.76 -12.10
CA ALA B 9 -28.03 10.55 -10.63
C ALA B 9 -26.78 9.87 -10.09
N GLU B 10 -26.25 8.92 -10.86
N GLU B 10 -26.21 8.96 -10.86
CA GLU B 10 -25.08 8.14 -10.43
CA GLU B 10 -25.08 8.21 -10.36
C GLU B 10 -23.79 8.87 -10.66
C GLU B 10 -23.74 8.81 -10.70
N LEU B 11 -23.69 9.61 -11.77
CA LEU B 11 -22.46 10.36 -12.07
C LEU B 11 -22.38 11.76 -11.40
N ALA B 12 -23.46 12.19 -10.77
CA ALA B 12 -23.57 13.55 -10.22
C ALA B 12 -22.39 13.89 -9.31
N SER B 13 -22.03 12.99 -8.39
CA SER B 13 -20.96 13.32 -7.44
C SER B 13 -19.59 13.37 -8.12
N VAL B 14 -19.36 12.51 -9.12
CA VAL B 14 -18.16 12.60 -9.93
C VAL B 14 -18.10 13.92 -10.70
N PHE B 15 -19.18 14.29 -11.38
CA PHE B 15 -19.18 15.57 -12.11
C PHE B 15 -18.86 16.69 -11.13
N ALA B 16 -19.51 16.71 -9.98
CA ALA B 16 -19.24 17.75 -8.99
C ALA B 16 -17.74 17.75 -8.58
N ALA B 17 -17.16 16.57 -8.36
CA ALA B 17 -15.77 16.50 -7.94
C ALA B 17 -14.85 17.04 -9.03
N LEU B 18 -15.20 16.77 -10.29
CA LEU B 18 -14.37 17.19 -11.42
C LEU B 18 -14.65 18.62 -11.86
N SER B 19 -15.52 19.32 -11.13
N SER B 19 -15.52 19.32 -11.14
CA SER B 19 -15.96 20.71 -11.45
CA SER B 19 -15.92 20.69 -11.51
C SER B 19 -15.04 21.81 -10.87
C SER B 19 -14.87 21.76 -11.17
N ASP B 20 -13.89 21.39 -10.32
CA ASP B 20 -12.97 22.30 -9.62
C ASP B 20 -11.55 22.06 -10.09
N GLU B 21 -10.88 23.11 -10.57
N GLU B 21 -10.88 23.12 -10.57
CA GLU B 21 -9.55 22.94 -11.15
CA GLU B 21 -9.53 23.03 -11.14
C GLU B 21 -8.54 22.50 -10.07
C GLU B 21 -8.50 22.60 -10.09
N THR B 22 -8.75 22.96 -8.84
CA THR B 22 -7.85 22.58 -7.73
C THR B 22 -7.92 21.06 -7.48
N ARG B 23 -9.13 20.49 -7.55
CA ARG B 23 -9.23 19.04 -7.46
C ARG B 23 -8.53 18.32 -8.62
N TRP B 24 -8.54 18.89 -9.82
CA TRP B 24 -7.76 18.34 -10.94
C TRP B 24 -6.26 18.34 -10.67
N GLU B 25 -5.78 19.43 -10.07
N GLU B 25 -5.76 19.42 -10.08
CA GLU B 25 -4.37 19.58 -9.67
CA GLU B 25 -4.36 19.50 -9.71
C GLU B 25 -3.95 18.51 -8.63
C GLU B 25 -4.00 18.42 -8.68
N ILE B 26 -4.83 18.28 -7.65
CA ILE B 26 -4.62 17.26 -6.61
C ILE B 26 -4.65 15.87 -7.26
N LEU B 27 -5.61 15.61 -8.15
CA LEU B 27 -5.67 14.33 -8.84
C LEU B 27 -4.42 14.07 -9.69
N THR B 28 -3.94 15.09 -10.40
CA THR B 28 -2.73 14.92 -11.22
C THR B 28 -1.52 14.53 -10.37
N GLU B 29 -1.35 15.19 -9.23
N GLU B 29 -1.36 15.21 -9.23
CA GLU B 29 -0.26 14.83 -8.33
CA GLU B 29 -0.31 14.91 -8.26
C GLU B 29 -0.39 13.39 -7.83
C GLU B 29 -0.39 13.47 -7.75
N LEU B 30 -1.61 13.01 -7.45
CA LEU B 30 -1.86 11.68 -6.84
C LEU B 30 -1.90 10.57 -7.86
N GLY B 31 -2.04 10.94 -9.14
CA GLY B 31 -1.89 9.94 -10.19
C GLY B 31 -0.45 9.62 -10.55
N ARG B 32 0.49 10.53 -10.22
N ARG B 32 0.50 10.50 -10.22
CA ARG B 32 1.93 10.32 -10.49
CA ARG B 32 1.91 10.20 -10.50
C ARG B 32 2.66 9.67 -9.30
C ARG B 32 2.62 9.58 -9.29
N ALA B 33 2.19 9.94 -8.09
CA ALA B 33 2.80 9.40 -6.86
C ALA B 33 1.79 9.39 -5.72
N ASP B 34 1.75 8.32 -4.93
CA ASP B 34 0.90 8.29 -3.73
C ASP B 34 1.46 9.36 -2.80
N GLN B 35 0.64 10.23 -2.25
CA GLN B 35 1.18 11.34 -1.42
C GLN B 35 0.32 11.59 -0.21
N SER B 36 0.94 11.99 0.89
CA SER B 36 0.17 12.39 2.05
C SER B 36 -0.44 13.78 1.83
N ALA B 37 -1.40 14.15 2.68
CA ALA B 37 -1.94 15.50 2.64
C ALA B 37 -0.82 16.54 2.84
N SER B 38 0.18 16.21 3.67
CA SER B 38 1.28 17.13 3.95
C SER B 38 2.11 17.35 2.70
N SER B 39 2.39 16.25 2.01
N SER B 39 2.37 16.26 1.98
CA SER B 39 3.12 16.31 0.76
CA SER B 39 3.13 16.32 0.74
C SER B 39 2.41 17.23 -0.24
C SER B 39 2.43 17.13 -0.36
N LEU B 40 1.10 17.03 -0.41
CA LEU B 40 0.28 17.87 -1.32
C LEU B 40 0.38 19.35 -0.94
N ALA B 41 0.31 19.64 0.36
CA ALA B 41 0.39 21.03 0.84
C ALA B 41 1.76 21.65 0.61
N THR B 42 2.80 20.83 0.62
CA THR B 42 4.14 21.30 0.28
C THR B 42 4.22 21.61 -1.22
N ARG B 43 3.44 20.89 -2.01
N ARG B 43 3.47 20.88 -2.03
CA ARG B 43 3.55 20.97 -3.47
CA ARG B 43 3.57 21.01 -3.49
C ARG B 43 2.64 22.03 -4.08
C ARG B 43 2.65 22.09 -4.06
N LEU B 44 1.46 22.22 -3.48
CA LEU B 44 0.41 23.08 -4.06
C LEU B 44 0.09 24.28 -3.18
N PRO B 45 -0.23 25.41 -3.80
CA PRO B 45 -0.65 26.57 -3.02
C PRO B 45 -2.12 26.46 -2.54
N VAL B 46 -2.39 25.42 -1.76
CA VAL B 46 -3.69 25.09 -1.23
C VAL B 46 -3.48 24.82 0.24
N SER B 47 -4.37 25.32 1.09
CA SER B 47 -4.25 25.05 2.53
C SER B 47 -4.48 23.60 2.90
N ARG B 48 -3.93 23.17 4.03
N ARG B 48 -3.92 23.23 4.04
CA ARG B 48 -4.16 21.81 4.50
CA ARG B 48 -4.15 21.94 4.66
C ARG B 48 -5.65 21.55 4.78
C ARG B 48 -5.66 21.65 4.81
N GLN B 49 -6.35 22.56 5.27
N GLN B 49 -6.40 22.63 5.31
CA GLN B 49 -7.77 22.40 5.47
CA GLN B 49 -7.83 22.44 5.51
C GLN B 49 -8.45 22.13 4.13
C GLN B 49 -8.55 22.23 4.18
N ALA B 50 -8.12 22.94 3.13
CA ALA B 50 -8.74 22.81 1.79
C ALA B 50 -8.38 21.45 1.19
N ILE B 51 -7.13 21.05 1.33
CA ILE B 51 -6.69 19.76 0.80
C ILE B 51 -7.51 18.65 1.45
N ALA B 52 -7.71 18.75 2.76
CA ALA B 52 -8.52 17.74 3.47
C ALA B 52 -9.95 17.65 2.91
N LYS B 53 -10.62 18.79 2.71
CA LYS B 53 -11.98 18.78 2.20
C LYS B 53 -12.01 18.19 0.81
N HIS B 54 -11.07 18.60 -0.02
CA HIS B 54 -11.04 18.08 -1.40
C HIS B 54 -10.83 16.56 -1.38
N LEU B 55 -9.87 16.10 -0.56
CA LEU B 55 -9.64 14.64 -0.44
C LEU B 55 -10.88 13.89 0.00
N ASN B 56 -11.61 14.43 0.97
CA ASN B 56 -12.87 13.80 1.41
C ASN B 56 -13.82 13.66 0.24
N ALA B 57 -13.97 14.74 -0.51
CA ALA B 57 -14.81 14.78 -1.70
C ALA B 57 -14.41 13.73 -2.74
N LEU B 58 -13.12 13.63 -3.00
CA LEU B 58 -12.60 12.73 -4.04
C LEU B 58 -12.72 11.29 -3.56
N GLN B 59 -12.55 11.06 -2.25
CA GLN B 59 -12.71 9.67 -1.75
C GLN B 59 -14.17 9.23 -1.81
N ALA B 60 -15.09 10.17 -1.54
CA ALA B 60 -16.51 9.80 -1.44
C ALA B 60 -17.06 9.37 -2.80
N CYS B 61 -16.52 9.89 -3.89
CA CYS B 61 -17.04 9.50 -5.19
C CYS B 61 -16.15 8.46 -5.89
N GLY B 62 -15.08 8.03 -5.21
CA GLY B 62 -14.21 6.95 -5.66
C GLY B 62 -13.06 7.36 -6.58
N LEU B 63 -12.76 8.65 -6.66
CA LEU B 63 -11.65 9.05 -7.53
C LEU B 63 -10.30 8.90 -6.86
N VAL B 64 -10.30 8.80 -5.52
CA VAL B 64 -9.06 8.63 -4.76
C VAL B 64 -9.31 7.57 -3.69
N GLU B 65 -8.27 6.83 -3.34
CA GLU B 65 -8.33 5.93 -2.18
C GLU B 65 -7.16 6.27 -1.27
N SER B 66 -7.39 6.07 0.03
CA SER B 66 -6.28 6.17 0.98
C SER B 66 -5.43 4.90 0.95
N VAL B 67 -4.15 5.08 1.23
CA VAL B 67 -3.19 4.00 1.27
C VAL B 67 -2.48 4.17 2.62
N LYS B 68 -2.73 3.24 3.52
CA LYS B 68 -2.27 3.39 4.91
C LYS B 68 -1.30 2.28 5.23
N VAL B 69 -0.07 2.67 5.49
CA VAL B 69 1.01 1.71 5.73
C VAL B 69 1.87 2.36 6.84
N GLY B 70 1.77 1.92 8.11
CA GLY B 70 2.45 2.58 9.27
C GLY B 70 1.87 3.84 9.89
N ARG B 71 2.74 4.82 10.16
CA ARG B 71 2.30 6.11 10.66
C ARG B 71 1.68 6.92 9.50
N GLU B 72 1.85 6.41 8.29
CA GLU B 72 1.65 7.14 7.04
C GLU B 72 0.28 6.88 6.46
N ILE B 73 -0.38 7.98 6.15
CA ILE B 73 -1.59 7.95 5.34
C ILE B 73 -1.27 8.70 4.07
N ARG B 74 -1.37 7.98 2.96
N ARG B 74 -1.36 8.00 2.95
CA ARG B 74 -1.21 8.59 1.65
CA ARG B 74 -1.20 8.65 1.65
C ARG B 74 -2.48 8.42 0.85
C ARG B 74 -2.42 8.36 0.81
N TYR B 75 -2.50 9.05 -0.32
CA TYR B 75 -3.66 8.97 -1.23
C TYR B 75 -3.22 8.63 -2.66
N ARG B 76 -4.11 8.00 -3.39
CA ARG B 76 -3.79 7.54 -4.74
C ARG B 76 -4.98 7.86 -5.65
N ALA B 77 -4.71 8.44 -6.82
CA ALA B 77 -5.79 8.64 -7.78
C ALA B 77 -6.08 7.34 -8.50
N LEU B 78 -7.36 7.08 -8.71
CA LEU B 78 -7.79 5.88 -9.40
C LEU B 78 -8.49 6.21 -10.72
N GLY B 79 -8.11 5.49 -11.77
CA GLY B 79 -8.68 5.77 -13.09
C GLY B 79 -10.09 5.26 -13.28
N ALA B 80 -10.53 4.33 -12.45
CA ALA B 80 -11.82 3.65 -12.65
C ALA B 80 -13.02 4.55 -12.93
N GLU B 81 -13.27 5.57 -12.10
CA GLU B 81 -14.42 6.48 -12.33
C GLU B 81 -14.17 7.36 -13.53
N LEU B 82 -12.90 7.66 -13.86
CA LEU B 82 -12.60 8.44 -15.07
C LEU B 82 -12.98 7.62 -16.29
N ASN B 83 -12.60 6.35 -16.30
CA ASN B 83 -12.94 5.41 -17.37
C ASN B 83 -14.47 5.24 -17.50
N LYS B 84 -15.17 5.03 -16.40
CA LYS B 84 -16.63 4.90 -16.47
C LYS B 84 -17.29 6.16 -17.04
N THR B 85 -16.79 7.32 -16.61
CA THR B 85 -17.35 8.59 -17.07
C THR B 85 -17.07 8.78 -18.57
N ALA B 86 -15.86 8.44 -18.99
CA ALA B 86 -15.41 8.56 -20.36
C ALA B 86 -16.26 7.66 -21.22
N ARG B 87 -16.55 6.44 -20.75
CA ARG B 87 -17.40 5.48 -21.51
C ARG B 87 -18.77 6.10 -21.78
N THR B 88 -19.36 6.68 -20.73
CA THR B 88 -20.67 7.31 -20.80
C THR B 88 -20.67 8.55 -21.71
N LEU B 89 -19.66 9.40 -21.59
CA LEU B 89 -19.59 10.59 -22.46
C LEU B 89 -19.38 10.23 -23.93
N GLU B 90 -18.61 9.19 -24.17
CA GLU B 90 -18.33 8.74 -25.51
C GLU B 90 -19.59 8.24 -26.20
N ARG B 91 -20.35 7.43 -25.45
CA ARG B 91 -21.64 6.90 -25.90
C ARG B 91 -22.57 8.06 -26.22
N ILE B 92 -22.69 9.01 -25.30
CA ILE B 92 -23.63 10.15 -25.49
C ILE B 92 -23.23 10.96 -26.72
N GLY B 93 -21.92 11.20 -26.89
CA GLY B 93 -21.41 11.98 -28.02
C GLY B 93 -21.69 11.32 -29.36
N ALA B 94 -21.50 10.00 -29.39
CA ALA B 94 -21.71 9.20 -30.59
C ALA B 94 -23.19 9.23 -30.99
N GLU B 95 -24.06 9.18 -29.99
CA GLU B 95 -25.52 9.27 -30.20
C GLU B 95 -25.91 10.63 -30.75
N TRP B 96 -25.32 11.70 -30.22
CA TRP B 96 -25.64 13.02 -30.76
C TRP B 96 -25.21 13.09 -32.22
N ASP B 97 -24.06 12.51 -32.51
CA ASP B 97 -23.61 12.52 -33.90
C ASP B 97 -24.56 11.74 -34.85
N ARG B 98 -24.99 10.56 -34.40
N ARG B 98 -25.01 10.58 -34.41
CA ARG B 98 -25.97 9.75 -35.13
CA ARG B 98 -25.94 9.76 -35.21
C ARG B 98 -27.24 10.53 -35.39
C ARG B 98 -27.27 10.49 -35.41
N ARG B 99 -27.76 11.12 -34.33
N ARG B 99 -27.72 11.13 -34.35
CA ARG B 99 -29.02 11.87 -34.45
CA ARG B 99 -28.98 11.87 -34.42
C ARG B 99 -28.86 13.06 -35.41
C ARG B 99 -28.86 13.06 -35.38
N LEU B 100 -27.74 13.78 -35.32
CA LEU B 100 -27.51 14.90 -36.24
C LEU B 100 -27.52 14.41 -37.72
N ALA B 101 -26.83 13.30 -37.96
CA ALA B 101 -26.77 12.74 -39.30
C ALA B 101 -28.15 12.33 -39.78
N ALA B 102 -28.95 11.72 -38.89
CA ALA B 102 -30.32 11.30 -39.22
C ALA B 102 -31.19 12.51 -39.56
N ILE B 103 -31.02 13.62 -38.82
CA ILE B 103 -31.77 14.86 -39.08
C ILE B 103 -31.42 15.44 -40.44
N LYS B 104 -30.13 15.37 -40.80
CA LYS B 104 -29.66 15.88 -42.07
C LYS B 104 -30.32 15.10 -43.20
N GLN B 105 -30.48 13.80 -43.01
CA GLN B 105 -31.12 13.01 -44.07
C GLN B 105 -32.62 13.33 -44.14
N ILE B 106 -33.23 13.56 -42.98
CA ILE B 106 -34.66 13.94 -42.99
C ILE B 106 -34.84 15.26 -43.73
N ALA B 107 -33.98 16.22 -43.42
CA ALA B 107 -34.11 17.55 -44.02
C ALA B 107 -33.89 17.47 -45.54
N GLU B 108 -32.98 16.63 -45.96
CA GLU B 108 -32.76 16.52 -47.39
C GLU B 108 -33.98 15.95 -48.13
N SER B 109 -34.74 15.09 -47.45
N SER B 109 -34.72 15.06 -47.47
CA SER B 109 -35.90 14.41 -47.99
CA SER B 109 -35.91 14.45 -48.02
C SER B 109 -37.22 15.21 -47.90
C SER B 109 -37.06 15.43 -48.17
N GLU B 111 -39.85 17.89 -48.92
CA GLU B 111 -40.27 18.64 -50.11
C GLU B 111 -41.17 19.82 -49.74
N VAL C 5 12.73 -26.34 3.31
CA VAL C 5 14.01 -26.78 3.95
C VAL C 5 13.76 -26.99 5.42
N GLY C 6 14.71 -27.69 6.07
CA GLY C 6 14.77 -27.77 7.53
C GLY C 6 15.28 -26.47 8.16
N THR C 7 15.54 -25.47 7.31
CA THR C 7 16.05 -24.18 7.75
C THR C 7 15.13 -23.52 8.79
N TYR C 8 13.82 -23.55 8.55
CA TYR C 8 12.90 -22.86 9.47
C TYR C 8 12.72 -23.57 10.80
N ALA C 9 12.66 -24.90 10.77
CA ALA C 9 12.76 -25.68 12.01
C ALA C 9 14.02 -25.32 12.85
N GLU C 10 15.18 -25.15 12.22
N GLU C 10 15.16 -25.19 12.19
CA GLU C 10 16.42 -24.81 12.93
CA GLU C 10 16.41 -24.83 12.82
C GLU C 10 16.43 -23.37 13.40
C GLU C 10 16.24 -23.45 13.44
N LEU C 11 15.87 -22.47 12.61
CA LEU C 11 15.70 -21.08 13.09
C LEU C 11 14.81 -21.03 14.26
N ALA C 12 13.67 -21.71 14.16
CA ALA C 12 12.73 -21.64 15.28
C ALA C 12 13.37 -22.17 16.57
N SER C 13 14.16 -23.23 16.47
N SER C 13 14.20 -23.20 16.42
CA SER C 13 14.79 -23.78 17.67
CA SER C 13 14.87 -23.84 17.54
C SER C 13 15.76 -22.74 18.25
C SER C 13 15.91 -22.93 18.22
N VAL C 14 16.60 -22.12 17.42
CA VAL C 14 17.58 -21.17 17.98
C VAL C 14 16.85 -20.04 18.71
N PHE C 15 15.80 -19.48 18.06
CA PHE C 15 15.11 -18.36 18.75
C PHE C 15 14.36 -18.80 19.94
N ALA C 16 13.81 -20.03 19.91
CA ALA C 16 13.19 -20.57 21.14
C ALA C 16 14.23 -20.64 22.30
N ALA C 17 15.45 -21.05 21.99
CA ALA C 17 16.57 -21.09 22.99
C ALA C 17 16.91 -19.67 23.49
N LEU C 18 16.98 -18.71 22.57
CA LEU C 18 17.38 -17.32 22.93
C LEU C 18 16.29 -16.53 23.67
N SER C 19 15.04 -16.99 23.50
CA SER C 19 13.86 -16.21 23.97
C SER C 19 13.74 -16.19 25.50
N ASP C 20 14.55 -17.02 26.16
CA ASP C 20 14.47 -17.21 27.64
C ASP C 20 15.54 -16.42 28.33
N GLU C 21 15.17 -15.57 29.29
N GLU C 21 15.13 -15.59 29.31
CA GLU C 21 16.19 -14.74 29.93
CA GLU C 21 16.07 -14.76 30.05
C GLU C 21 17.27 -15.56 30.67
C GLU C 21 17.21 -15.54 30.70
N THR C 22 16.90 -16.70 31.26
CA THR C 22 17.89 -17.53 31.95
C THR C 22 18.91 -18.07 30.95
N ARG C 23 18.46 -18.54 29.78
CA ARG C 23 19.44 -18.98 28.78
C ARG C 23 20.28 -17.83 28.31
N TRP C 24 19.68 -16.64 28.19
CA TRP C 24 20.47 -15.47 27.81
C TRP C 24 21.55 -15.25 28.86
N GLU C 25 21.20 -15.39 30.15
N GLU C 25 21.20 -15.39 30.15
CA GLU C 25 22.17 -15.20 31.24
CA GLU C 25 22.17 -15.18 31.25
C GLU C 25 23.27 -16.26 31.16
C GLU C 25 23.26 -16.29 31.27
N ILE C 26 22.89 -17.51 30.88
CA ILE C 26 23.87 -18.59 30.73
C ILE C 26 24.84 -18.30 29.58
N LEU C 27 24.28 -17.92 28.43
CA LEU C 27 25.13 -17.58 27.28
C LEU C 27 26.05 -16.38 27.56
N THR C 28 25.57 -15.41 28.36
CA THR C 28 26.35 -14.21 28.74
C THR C 28 27.54 -14.68 29.55
N GLU C 29 27.27 -15.58 30.51
N GLU C 29 27.31 -15.62 30.45
CA GLU C 29 28.33 -16.21 31.28
CA GLU C 29 28.39 -16.17 31.27
C GLU C 29 29.34 -16.92 30.39
C GLU C 29 29.38 -17.03 30.50
N LEU C 30 28.87 -17.88 29.62
CA LEU C 30 29.73 -18.71 28.73
C LEU C 30 30.47 -17.90 27.71
N GLY C 31 29.81 -16.85 27.22
CA GLY C 31 30.42 -15.88 26.33
C GLY C 31 31.77 -15.52 26.85
N ARG C 32 31.83 -15.07 28.11
N ARG C 32 31.80 -15.05 28.09
CA ARG C 32 33.05 -14.59 28.76
CA ARG C 32 32.98 -14.62 28.83
C ARG C 32 34.05 -15.65 29.25
C ARG C 32 34.02 -15.73 29.03
N ALA C 33 33.57 -16.87 29.54
CA ALA C 33 34.44 -18.01 29.85
C ALA C 33 33.67 -19.35 29.88
N ASP C 34 34.18 -20.40 29.24
N ASP C 34 34.21 -20.41 29.26
CA ASP C 34 33.58 -21.74 29.35
CA ASP C 34 33.66 -21.77 29.41
C ASP C 34 33.62 -22.21 30.81
C ASP C 34 33.55 -22.09 30.89
N GLN C 35 32.54 -22.83 31.25
CA GLN C 35 32.33 -23.17 32.65
C GLN C 35 31.57 -24.44 32.78
N SER C 36 31.74 -25.05 33.96
CA SER C 36 31.08 -26.26 34.27
C SER C 36 29.65 -25.92 34.67
N ALA C 37 28.78 -26.92 34.71
CA ALA C 37 27.42 -26.70 35.16
C ALA C 37 27.41 -26.26 36.63
N SER C 38 28.28 -26.83 37.47
CA SER C 38 28.36 -26.45 38.89
C SER C 38 28.73 -24.98 39.04
N SER C 39 29.65 -24.50 38.22
CA SER C 39 30.06 -23.07 38.22
C SER C 39 28.88 -22.19 37.87
N LEU C 40 28.11 -22.59 36.86
CA LEU C 40 26.97 -21.78 36.44
C LEU C 40 25.94 -21.77 37.57
N ALA C 41 25.73 -22.91 38.23
CA ALA C 41 24.77 -22.95 39.35
C ALA C 41 25.25 -22.09 40.50
N THR C 42 26.56 -21.97 40.67
CA THR C 42 27.06 -21.13 41.79
C THR C 42 26.75 -19.65 41.49
N ARG C 43 26.85 -19.28 40.23
CA ARG C 43 26.71 -17.90 39.82
C ARG C 43 25.28 -17.44 39.62
N LEU C 44 24.39 -18.35 39.23
CA LEU C 44 23.05 -17.98 38.83
C LEU C 44 21.95 -18.43 39.81
N PRO C 45 20.78 -17.76 39.77
CA PRO C 45 19.71 -18.08 40.75
C PRO C 45 18.84 -19.28 40.35
N VAL C 46 19.42 -20.26 39.67
CA VAL C 46 18.70 -21.47 39.34
C VAL C 46 19.56 -22.65 39.78
N SER C 47 18.91 -23.79 39.99
CA SER C 47 19.58 -25.01 40.44
C SER C 47 20.44 -25.68 39.36
N ARG C 48 21.40 -26.50 39.83
N ARG C 48 21.42 -26.48 39.80
CA ARG C 48 22.22 -27.36 38.97
CA ARG C 48 22.19 -27.33 38.88
C ARG C 48 21.36 -28.15 37.99
C ARG C 48 21.27 -28.03 37.91
N GLN C 49 20.14 -28.51 38.41
CA GLN C 49 19.19 -29.26 37.60
C GLN C 49 18.61 -28.39 36.48
N ALA C 50 18.16 -27.19 36.86
CA ALA C 50 17.64 -26.19 35.91
C ALA C 50 18.71 -25.78 34.93
N ILE C 51 19.95 -25.63 35.40
CA ILE C 51 21.06 -25.34 34.50
C ILE C 51 21.21 -26.48 33.48
N ALA C 52 21.16 -27.75 33.94
CA ALA C 52 21.36 -28.87 32.97
C ALA C 52 20.24 -28.90 31.88
N LYS C 53 19.01 -28.60 32.29
CA LYS C 53 17.91 -28.51 31.35
C LYS C 53 18.08 -27.38 30.33
N HIS C 54 18.54 -26.23 30.80
CA HIS C 54 18.76 -25.15 29.86
C HIS C 54 19.92 -25.46 28.94
N LEU C 55 20.95 -26.08 29.51
CA LEU C 55 22.11 -26.43 28.72
C LEU C 55 21.73 -27.46 27.65
N ASN C 56 20.86 -28.39 27.98
CA ASN C 56 20.44 -29.36 26.98
C ASN C 56 19.77 -28.63 25.78
N ALA C 57 18.90 -27.66 26.07
CA ALA C 57 18.24 -26.92 24.98
C ALA C 57 19.26 -26.16 24.18
N LEU C 58 20.23 -25.55 24.89
CA LEU C 58 21.27 -24.78 24.21
C LEU C 58 22.13 -25.74 23.36
N GLN C 59 22.42 -26.96 23.86
CA GLN C 59 23.21 -27.90 23.03
C GLN C 59 22.43 -28.43 21.81
N ALA C 60 21.16 -28.73 22.02
CA ALA C 60 20.33 -29.33 20.99
C ALA C 60 20.13 -28.41 19.78
N CYS C 61 20.25 -27.10 19.96
CA CYS C 61 20.13 -26.19 18.82
C CYS C 61 21.47 -25.69 18.31
N GLY C 62 22.59 -26.19 18.87
CA GLY C 62 23.89 -25.85 18.34
C GLY C 62 24.55 -24.60 18.93
N LEU C 63 23.97 -24.03 19.98
CA LEU C 63 24.55 -22.79 20.53
C LEU C 63 25.65 -23.04 21.56
N VAL C 64 25.65 -24.24 22.13
CA VAL C 64 26.62 -24.61 23.13
C VAL C 64 27.15 -26.01 22.83
N GLU C 65 28.41 -26.28 23.22
CA GLU C 65 28.89 -27.66 23.18
C GLU C 65 29.53 -27.97 24.52
N SER C 66 29.51 -29.24 24.87
CA SER C 66 30.16 -29.66 26.10
C SER C 66 31.52 -30.17 25.72
N VAL C 67 32.46 -30.08 26.63
N VAL C 67 32.47 -30.03 26.63
CA VAL C 67 33.76 -30.61 26.37
CA VAL C 67 33.85 -30.47 26.39
C VAL C 67 34.39 -31.08 27.66
C VAL C 67 34.35 -31.09 27.68
N LYS C 68 35.00 -32.25 27.58
CA LYS C 68 35.63 -32.86 28.73
C LYS C 68 37.00 -32.23 28.87
N VAL C 69 37.23 -31.59 30.01
CA VAL C 69 38.51 -30.94 30.31
C VAL C 69 39.04 -31.54 31.63
N GLY C 70 40.02 -32.43 31.48
CA GLY C 70 40.52 -33.17 32.64
C GLY C 70 39.35 -33.96 33.22
N ARG C 71 39.04 -33.74 34.49
N ARG C 71 39.05 -33.67 34.48
CA ARG C 71 38.04 -34.55 35.21
CA ARG C 71 38.09 -34.44 35.29
C ARG C 71 36.65 -33.90 35.24
C ARG C 71 36.67 -33.89 35.24
N GLU C 72 36.44 -32.88 34.43
CA GLU C 72 35.17 -32.15 34.48
C GLU C 72 34.65 -31.84 33.11
N ILE C 73 33.35 -31.61 33.03
CA ILE C 73 32.70 -31.21 31.76
C ILE C 73 32.53 -29.73 31.79
N ARG C 74 33.01 -29.07 30.76
N ARG C 74 33.00 -29.06 30.76
CA ARG C 74 32.78 -27.65 30.61
CA ARG C 74 32.80 -27.63 30.65
C ARG C 74 31.77 -27.43 29.51
C ARG C 74 31.99 -27.31 29.40
N TYR C 75 31.22 -26.22 29.48
CA TYR C 75 30.33 -25.81 28.39
C TYR C 75 30.88 -24.56 27.74
N ARG C 76 30.81 -24.55 26.42
N ARG C 76 30.73 -24.51 26.42
CA ARG C 76 31.27 -23.41 25.65
CA ARG C 76 31.35 -23.51 25.55
C ARG C 76 30.15 -22.91 24.76
C ARG C 76 30.34 -22.94 24.55
N ALA C 77 30.20 -21.61 24.52
CA ALA C 77 29.25 -20.91 23.64
C ALA C 77 29.86 -20.87 22.26
N LEU C 78 29.06 -21.23 21.25
CA LEU C 78 29.55 -21.44 19.89
C LEU C 78 29.15 -20.29 18.98
N GLY C 79 30.11 -19.46 18.60
CA GLY C 79 29.85 -18.34 17.69
C GLY C 79 29.33 -18.76 16.33
N ALA C 80 29.72 -19.95 15.88
CA ALA C 80 29.37 -20.39 14.53
C ALA C 80 27.88 -20.50 14.29
N GLU C 81 27.14 -20.84 15.35
CA GLU C 81 25.68 -20.97 15.21
C GLU C 81 24.99 -19.61 15.14
N LEU C 82 25.54 -18.64 15.87
CA LEU C 82 25.06 -17.26 15.78
C LEU C 82 25.36 -16.71 14.42
N ASN C 83 26.56 -17.03 13.90
CA ASN C 83 26.89 -16.52 12.56
C ASN C 83 26.01 -17.13 11.48
N LYS C 84 25.73 -18.44 11.58
CA LYS C 84 24.92 -19.11 10.56
C LYS C 84 23.47 -18.55 10.58
N THR C 85 22.96 -18.35 11.80
CA THR C 85 21.60 -17.83 11.95
C THR C 85 21.56 -16.42 11.39
N ALA C 86 22.57 -15.64 11.70
CA ALA C 86 22.62 -14.24 11.20
C ALA C 86 22.62 -14.22 9.65
N ARG C 87 23.40 -15.11 9.07
N ARG C 87 23.40 -15.10 9.05
CA ARG C 87 23.55 -15.16 7.61
CA ARG C 87 23.47 -15.07 7.60
C ARG C 87 22.23 -15.50 6.93
C ARG C 87 22.15 -15.42 6.98
N THR C 88 21.50 -16.44 7.52
CA THR C 88 20.15 -16.83 7.07
C THR C 88 19.20 -15.64 7.19
N LEU C 89 19.25 -14.92 8.31
N LEU C 89 19.24 -14.94 8.32
CA LEU C 89 18.32 -13.78 8.45
CA LEU C 89 18.33 -13.79 8.47
C LEU C 89 18.67 -12.64 7.50
C LEU C 89 18.67 -12.71 7.46
N GLU C 90 19.96 -12.47 7.27
CA GLU C 90 20.40 -11.47 6.29
C GLU C 90 19.91 -11.77 4.86
N ARG C 91 19.94 -13.05 4.49
N ARG C 91 19.90 -13.05 4.48
CA ARG C 91 19.48 -13.48 3.18
CA ARG C 91 19.46 -13.45 3.13
C ARG C 91 17.99 -13.11 3.07
C ARG C 91 17.94 -13.32 2.97
N ILE C 92 17.22 -13.58 4.05
CA ILE C 92 15.77 -13.44 4.02
C ILE C 92 15.42 -11.94 4.04
N GLY C 93 16.01 -11.21 4.98
CA GLY C 93 15.77 -9.76 5.06
C GLY C 93 16.16 -8.97 3.82
N ALA C 94 17.22 -9.41 3.11
CA ALA C 94 17.65 -8.66 1.93
C ALA C 94 16.55 -8.76 0.86
N GLU C 95 15.88 -9.91 0.77
N GLU C 95 15.91 -9.91 0.75
CA GLU C 95 14.83 -10.09 -0.22
CA GLU C 95 14.83 -10.05 -0.23
C GLU C 95 13.57 -9.28 0.11
C GLU C 95 13.66 -9.17 0.14
N TRP C 96 13.20 -9.30 1.39
CA TRP C 96 12.08 -8.46 1.83
C TRP C 96 12.37 -6.98 1.61
N ASP C 97 13.63 -6.58 1.84
CA ASP C 97 14.04 -5.18 1.63
C ASP C 97 14.05 -4.78 0.16
N ARG C 98 14.49 -5.70 -0.70
CA ARG C 98 14.46 -5.45 -2.16
C ARG C 98 13.00 -5.19 -2.60
N ARG C 99 12.07 -6.03 -2.12
CA ARG C 99 10.67 -5.88 -2.49
C ARG C 99 10.08 -4.59 -1.96
N LEU C 100 10.34 -4.29 -0.69
CA LEU C 100 9.87 -3.02 -0.16
C LEU C 100 10.39 -1.82 -0.94
N ALA C 101 11.69 -1.83 -1.27
CA ALA C 101 12.27 -0.70 -2.03
C ALA C 101 11.64 -0.58 -3.42
N ALA C 102 11.37 -1.71 -4.06
CA ALA C 102 10.72 -1.71 -5.38
C ALA C 102 9.32 -1.09 -5.30
N ILE C 103 8.51 -1.57 -4.36
CA ILE C 103 7.13 -1.03 -4.08
C ILE C 103 7.14 0.48 -3.87
N LYS C 104 8.01 0.97 -2.98
N LYS C 104 8.12 0.95 -3.09
CA LYS C 104 8.01 2.41 -2.63
CA LYS C 104 8.42 2.37 -2.93
C LYS C 104 8.44 3.30 -3.79
C LYS C 104 8.85 3.07 -4.23
N GLN C 105 9.32 2.74 -4.64
N GLN C 105 9.71 2.44 -5.02
CA GLN C 105 9.80 3.46 -5.83
CA GLN C 105 10.13 3.12 -6.24
C GLN C 105 8.64 3.65 -6.81
C GLN C 105 8.93 3.46 -7.14
N ILE C 106 7.94 2.57 -7.15
CA ILE C 106 6.86 2.64 -8.10
C ILE C 106 5.66 3.38 -7.51
N ALA C 107 5.40 3.19 -6.22
CA ALA C 107 4.27 3.85 -5.57
C ALA C 107 4.48 5.29 -5.20
N GLU C 108 5.69 5.67 -4.81
CA GLU C 108 5.88 6.93 -4.12
C GLU C 108 6.93 7.86 -4.71
N SER C 109 7.75 7.38 -5.63
CA SER C 109 8.91 8.19 -6.02
C SER C 109 8.45 9.53 -6.59
N VAL D 5 -1.63 22.13 -19.49
CA VAL D 5 -2.52 22.28 -18.29
C VAL D 5 -3.71 23.22 -18.57
N GLY D 6 -3.76 23.75 -19.80
CA GLY D 6 -4.96 24.42 -20.32
C GLY D 6 -6.18 23.48 -20.33
N THR D 7 -5.88 22.19 -20.51
CA THR D 7 -6.93 21.16 -20.43
C THR D 7 -7.76 21.21 -19.13
N TYR D 8 -7.12 21.39 -17.97
N TYR D 8 -7.06 21.34 -17.98
CA TYR D 8 -7.83 21.27 -16.68
CA TYR D 8 -7.66 21.42 -16.62
C TYR D 8 -8.81 22.41 -16.33
C TYR D 8 -8.85 22.36 -16.54
N ALA D 9 -8.55 23.62 -16.84
CA ALA D 9 -9.48 24.73 -16.72
C ALA D 9 -10.74 24.41 -17.54
N GLU D 10 -10.52 23.82 -18.72
CA GLU D 10 -11.60 23.54 -19.64
C GLU D 10 -12.36 22.28 -19.18
N LEU D 11 -11.63 21.26 -18.71
CA LEU D 11 -12.29 20.09 -18.06
C LEU D 11 -13.19 20.52 -16.93
N ALA D 12 -12.70 21.39 -16.05
CA ALA D 12 -13.47 21.80 -14.86
C ALA D 12 -14.74 22.52 -15.28
N SER D 13 -14.64 23.36 -16.31
CA SER D 13 -15.82 24.10 -16.79
C SER D 13 -16.86 23.15 -17.38
N VAL D 14 -16.40 22.16 -18.16
CA VAL D 14 -17.31 21.13 -18.75
C VAL D 14 -18.02 20.35 -17.61
N PHE D 15 -17.25 19.88 -16.63
CA PHE D 15 -17.88 19.20 -15.49
C PHE D 15 -18.76 20.10 -14.61
N ALA D 16 -18.39 21.37 -14.43
CA ALA D 16 -19.28 22.30 -13.75
C ALA D 16 -20.63 22.42 -14.48
N ALA D 17 -20.57 22.49 -15.82
CA ALA D 17 -21.80 22.53 -16.63
C ALA D 17 -22.65 21.27 -16.46
N LEU D 18 -22.00 20.11 -16.45
CA LEU D 18 -22.72 18.82 -16.40
C LEU D 18 -23.24 18.53 -15.00
N SER D 19 -22.73 19.25 -14.01
CA SER D 19 -23.00 18.85 -12.62
C SER D 19 -24.40 19.23 -12.13
N ASP D 20 -25.15 20.04 -12.87
CA ASP D 20 -26.50 20.49 -12.45
C ASP D 20 -27.58 19.69 -13.19
N GLU D 21 -28.61 19.20 -12.47
CA GLU D 21 -29.55 18.23 -13.08
C GLU D 21 -30.41 18.86 -14.13
N THR D 22 -30.85 20.08 -13.88
CA THR D 22 -31.77 20.72 -14.83
C THR D 22 -30.96 21.11 -16.07
N ARG D 23 -29.72 21.51 -15.86
CA ARG D 23 -28.84 21.75 -17.00
C ARG D 23 -28.55 20.46 -17.80
N TRP D 24 -28.40 19.34 -17.10
CA TRP D 24 -28.31 18.02 -17.79
C TRP D 24 -29.55 17.69 -18.66
N GLU D 25 -30.73 17.95 -18.09
N GLU D 25 -30.73 17.93 -18.11
CA GLU D 25 -32.03 17.76 -18.73
CA GLU D 25 -31.97 17.67 -18.82
C GLU D 25 -32.16 18.56 -20.03
C GLU D 25 -32.01 18.50 -20.11
N ILE D 26 -31.67 19.79 -20.00
CA ILE D 26 -31.68 20.69 -21.19
C ILE D 26 -30.69 20.15 -22.23
N LEU D 27 -29.50 19.84 -21.77
CA LEU D 27 -28.49 19.35 -22.66
C LEU D 27 -28.88 18.08 -23.40
N THR D 28 -29.55 17.15 -22.71
CA THR D 28 -30.01 15.88 -23.28
C THR D 28 -31.07 16.10 -24.33
N GLU D 29 -31.99 17.02 -24.03
CA GLU D 29 -32.98 17.37 -25.00
C GLU D 29 -32.36 17.99 -26.28
N LEU D 30 -31.38 18.89 -26.11
CA LEU D 30 -30.70 19.42 -27.29
C LEU D 30 -30.02 18.28 -28.07
N GLY D 31 -29.51 17.29 -27.36
CA GLY D 31 -28.78 16.20 -28.00
C GLY D 31 -29.70 15.44 -28.92
N ARG D 32 -30.99 15.44 -28.58
CA ARG D 32 -32.04 14.77 -29.40
C ARG D 32 -32.35 15.57 -30.67
N ALA D 33 -32.35 16.90 -30.56
CA ALA D 33 -32.56 17.81 -31.68
C ALA D 33 -32.40 19.27 -31.29
N ASP D 34 -31.92 20.08 -32.22
CA ASP D 34 -31.73 21.52 -31.99
C ASP D 34 -33.07 22.15 -31.69
N GLN D 35 -33.08 23.19 -30.86
N GLN D 35 -33.07 22.95 -30.64
CA GLN D 35 -34.34 23.93 -30.60
CA GLN D 35 -34.29 23.56 -30.11
C GLN D 35 -34.10 25.30 -30.04
C GLN D 35 -33.96 24.98 -29.79
N SER D 36 -35.14 26.14 -30.08
N SER D 36 -34.97 25.83 -29.88
CA SER D 36 -35.06 27.46 -29.49
CA SER D 36 -34.83 27.19 -29.38
C SER D 36 -35.33 27.34 -27.99
C SER D 36 -35.18 27.25 -27.89
N ALA D 37 -35.04 28.42 -27.27
CA ALA D 37 -35.27 28.52 -25.82
C ALA D 37 -36.79 28.34 -25.62
N SER D 38 -37.59 28.86 -26.55
CA SER D 38 -39.03 28.65 -26.56
C SER D 38 -39.48 27.23 -26.64
N SER D 39 -38.94 26.46 -27.57
N SER D 39 -38.92 26.50 -27.60
CA SER D 39 -39.37 25.07 -27.71
CA SER D 39 -39.25 25.09 -27.80
C SER D 39 -38.90 24.22 -26.54
C SER D 39 -38.91 24.28 -26.57
N LEU D 40 -37.81 24.65 -25.92
CA LEU D 40 -37.32 23.93 -24.75
C LEU D 40 -38.35 24.09 -23.64
N ALA D 41 -38.90 25.30 -23.51
CA ALA D 41 -39.94 25.53 -22.49
C ALA D 41 -41.18 24.72 -22.74
N THR D 42 -41.60 24.66 -24.01
CA THR D 42 -42.82 23.94 -24.40
C THR D 42 -42.63 22.46 -24.12
N ARG D 43 -41.43 21.97 -24.42
CA ARG D 43 -41.18 20.53 -24.40
C ARG D 43 -40.78 19.99 -23.03
N LEU D 44 -40.19 20.83 -22.19
CA LEU D 44 -39.66 20.37 -20.92
C LEU D 44 -40.34 20.94 -19.66
N PRO D 45 -40.33 20.16 -18.55
CA PRO D 45 -40.90 20.65 -17.29
C PRO D 45 -39.92 21.58 -16.58
N VAL D 46 -39.66 22.74 -17.18
CA VAL D 46 -38.62 23.64 -16.69
C VAL D 46 -39.12 25.08 -16.82
N SER D 47 -38.55 25.97 -16.03
CA SER D 47 -38.96 27.39 -16.18
C SER D 47 -38.14 28.09 -17.27
N ARG D 48 -38.72 29.12 -17.87
CA ARG D 48 -37.99 30.00 -18.83
C ARG D 48 -36.77 30.68 -18.23
N GLN D 49 -36.86 30.98 -16.94
CA GLN D 49 -35.71 31.54 -16.19
C GLN D 49 -34.53 30.55 -16.17
N ALA D 50 -34.85 29.29 -15.84
CA ALA D 50 -33.82 28.23 -15.74
C ALA D 50 -33.21 28.00 -17.12
N ILE D 51 -34.05 27.94 -18.16
CA ILE D 51 -33.50 27.68 -19.51
C ILE D 51 -32.49 28.75 -19.87
N ALA D 52 -32.84 30.02 -19.59
CA ALA D 52 -31.96 31.12 -19.98
C ALA D 52 -30.60 30.93 -19.27
N LYS D 53 -30.65 30.70 -17.95
N LYS D 53 -30.69 30.73 -17.95
CA LYS D 53 -29.42 30.59 -17.14
CA LYS D 53 -29.53 30.53 -17.07
C LYS D 53 -28.52 29.41 -17.54
C LYS D 53 -28.59 29.46 -17.66
N HIS D 54 -29.15 28.27 -17.83
CA HIS D 54 -28.40 27.06 -18.16
C HIS D 54 -27.92 27.09 -19.58
N LEU D 55 -28.68 27.72 -20.48
CA LEU D 55 -28.21 27.79 -21.87
C LEU D 55 -26.95 28.63 -21.87
N ASN D 56 -26.95 29.72 -21.09
CA ASN D 56 -25.75 30.55 -21.05
C ASN D 56 -24.56 29.72 -20.58
N ALA D 57 -24.74 28.94 -19.50
CA ALA D 57 -23.63 28.16 -18.92
C ALA D 57 -23.14 27.10 -19.90
N LEU D 58 -24.08 26.44 -20.58
CA LEU D 58 -23.72 25.42 -21.58
C LEU D 58 -22.95 26.01 -22.75
N GLN D 59 -23.33 27.21 -23.16
CA GLN D 59 -22.60 27.88 -24.25
C GLN D 59 -21.22 28.30 -23.78
N ALA D 60 -21.10 28.79 -22.54
CA ALA D 60 -19.85 29.43 -22.06
C ALA D 60 -18.76 28.38 -21.90
N CYS D 61 -19.16 27.12 -21.75
CA CYS D 61 -18.19 26.05 -21.63
C CYS D 61 -18.04 25.23 -22.89
N GLY D 62 -18.79 25.57 -23.94
CA GLY D 62 -18.60 24.96 -25.24
C GLY D 62 -19.41 23.70 -25.56
N LEU D 63 -20.41 23.39 -24.75
CA LEU D 63 -21.21 22.19 -24.97
C LEU D 63 -22.41 22.44 -25.91
N VAL D 64 -22.74 23.71 -26.08
N VAL D 64 -22.80 23.70 -26.04
CA VAL D 64 -23.84 24.10 -26.96
CA VAL D 64 -23.83 24.05 -27.02
C VAL D 64 -23.41 25.33 -27.75
C VAL D 64 -23.46 25.34 -27.72
N GLU D 65 -24.00 25.50 -28.93
CA GLU D 65 -23.84 26.76 -29.64
C GLU D 65 -25.20 27.19 -30.11
N SER D 66 -25.32 28.50 -30.29
CA SER D 66 -26.55 29.05 -30.81
C SER D 66 -26.35 29.30 -32.27
N VAL D 67 -27.40 29.03 -33.04
CA VAL D 67 -27.42 29.19 -34.48
C VAL D 67 -28.69 29.97 -34.88
N LYS D 68 -28.52 30.98 -35.72
CA LYS D 68 -29.62 31.68 -36.32
C LYS D 68 -30.17 30.87 -37.48
N VAL D 69 -31.45 30.53 -37.35
CA VAL D 69 -32.12 29.70 -38.33
C VAL D 69 -33.35 30.49 -38.81
N GLY D 70 -33.21 31.17 -39.94
CA GLY D 70 -34.29 32.01 -40.44
C GLY D 70 -34.53 33.09 -39.38
N ARG D 71 -35.74 33.06 -38.85
N ARG D 71 -35.76 33.30 -38.95
CA ARG D 71 -36.16 34.06 -37.88
CA ARG D 71 -35.97 34.47 -38.07
C ARG D 71 -36.05 33.60 -36.43
C ARG D 71 -35.90 34.06 -36.61
N GLU D 72 -35.50 32.41 -36.19
N GLU D 72 -35.17 32.99 -36.34
CA GLU D 72 -35.36 31.97 -34.81
CA GLU D 72 -35.16 32.33 -35.02
C GLU D 72 -33.92 31.71 -34.51
C GLU D 72 -33.74 32.08 -34.51
N ILE D 73 -33.59 31.73 -33.21
CA ILE D 73 -32.30 31.27 -32.72
C ILE D 73 -32.52 29.88 -32.18
N ARG D 74 -31.72 28.94 -32.65
CA ARG D 74 -31.79 27.61 -32.09
C ARG D 74 -30.50 27.30 -31.38
N TYR D 75 -30.56 26.30 -30.50
CA TYR D 75 -29.39 25.80 -29.81
C TYR D 75 -29.05 24.39 -30.23
N ARG D 76 -27.76 24.10 -30.43
CA ARG D 76 -27.29 22.77 -30.90
C ARG D 76 -26.28 22.23 -29.93
N ALA D 77 -26.42 20.97 -29.53
CA ALA D 77 -25.45 20.30 -28.62
C ALA D 77 -24.21 19.90 -29.43
N LEU D 78 -23.02 20.03 -28.84
CA LEU D 78 -21.79 19.87 -29.60
C LEU D 78 -21.09 18.57 -29.16
N GLY D 79 -21.36 17.47 -29.87
CA GLY D 79 -20.85 16.16 -29.50
C GLY D 79 -19.34 16.12 -29.50
N ALA D 80 -18.71 17.00 -30.30
CA ALA D 80 -17.24 17.14 -30.33
C ALA D 80 -16.67 17.45 -28.97
N GLU D 81 -17.39 18.26 -28.18
CA GLU D 81 -16.90 18.70 -26.88
C GLU D 81 -16.95 17.56 -25.88
N LEU D 82 -17.98 16.73 -25.99
CA LEU D 82 -18.03 15.50 -25.22
C LEU D 82 -16.88 14.55 -25.57
N ASN D 83 -16.66 14.36 -26.86
N ASN D 83 -16.67 14.34 -26.87
CA ASN D 83 -15.64 13.46 -27.36
CA ASN D 83 -15.61 13.45 -27.35
C ASN D 83 -14.22 13.87 -26.95
C ASN D 83 -14.23 13.88 -26.85
N LYS D 84 -13.95 15.17 -26.97
CA LYS D 84 -12.66 15.73 -26.54
C LYS D 84 -12.46 15.47 -25.03
N THR D 85 -13.54 15.67 -24.26
CA THR D 85 -13.51 15.44 -22.81
C THR D 85 -13.26 13.95 -22.52
N ALA D 86 -13.97 13.08 -23.23
CA ALA D 86 -13.88 11.62 -23.05
C ALA D 86 -12.50 11.13 -23.38
N ARG D 87 -11.94 11.70 -24.45
CA ARG D 87 -10.61 11.30 -24.88
C ARG D 87 -9.54 11.74 -23.90
N THR D 88 -9.68 12.94 -23.33
CA THR D 88 -8.77 13.41 -22.28
C THR D 88 -8.88 12.53 -21.02
N LEU D 89 -10.10 12.20 -20.61
CA LEU D 89 -10.22 11.32 -19.42
C LEU D 89 -9.61 9.93 -19.65
N GLU D 90 -9.74 9.44 -20.87
N GLU D 90 -9.64 9.45 -20.88
CA GLU D 90 -9.23 8.12 -21.21
CA GLU D 90 -8.99 8.16 -21.21
C GLU D 90 -7.71 8.10 -21.19
C GLU D 90 -7.48 8.24 -21.14
N ARG D 91 -7.07 9.16 -21.62
N ARG D 91 -6.88 9.28 -21.73
CA ARG D 91 -5.63 9.25 -21.56
CA ARG D 91 -5.46 9.51 -21.64
C ARG D 91 -5.18 9.27 -20.11
C ARG D 91 -5.03 9.46 -20.18
N ILE D 92 -5.74 10.21 -19.34
CA ILE D 92 -5.41 10.34 -17.91
C ILE D 92 -5.67 9.04 -17.15
N GLY D 93 -6.84 8.46 -17.35
N GLY D 93 -6.84 8.44 -17.39
CA GLY D 93 -7.21 7.22 -16.73
CA GLY D 93 -7.24 7.20 -16.74
C GLY D 93 -6.18 6.15 -17.03
C GLY D 93 -6.38 6.01 -17.10
N ALA D 94 -5.80 6.03 -18.30
CA ALA D 94 -4.77 5.06 -18.72
C ALA D 94 -3.45 5.23 -17.97
N GLU D 95 -3.04 6.47 -17.74
N GLU D 95 -3.00 6.47 -17.77
CA GLU D 95 -1.77 6.75 -17.06
CA GLU D 95 -1.76 6.67 -17.04
C GLU D 95 -1.83 6.39 -15.56
C GLU D 95 -1.94 6.11 -15.62
N TRP D 96 -2.99 6.55 -14.96
CA TRP D 96 -3.22 6.11 -13.56
C TRP D 96 -3.36 4.59 -13.42
N ASP D 97 -4.08 3.96 -14.36
CA ASP D 97 -4.18 2.51 -14.43
C ASP D 97 -2.82 1.80 -14.63
N ARG D 98 -1.92 2.39 -15.44
N ARG D 98 -1.97 2.41 -15.44
CA ARG D 98 -0.58 1.82 -15.63
CA ARG D 98 -0.59 1.97 -15.67
C ARG D 98 0.27 1.89 -14.34
C ARG D 98 0.15 1.87 -14.33
N ARG D 99 0.22 3.00 -13.63
CA ARG D 99 0.94 3.08 -12.37
C ARG D 99 0.36 2.06 -11.35
N LEU D 100 -0.97 1.94 -11.33
CA LEU D 100 -1.61 0.98 -10.46
C LEU D 100 -1.19 -0.44 -10.74
N ALA D 101 -1.25 -0.80 -12.02
CA ALA D 101 -0.83 -2.12 -12.41
C ALA D 101 0.61 -2.42 -12.02
N ALA D 102 1.50 -1.46 -12.27
CA ALA D 102 2.90 -1.62 -11.91
C ALA D 102 3.06 -1.88 -10.41
N ILE D 103 2.39 -1.08 -9.57
N ILE D 103 2.26 -1.23 -9.56
CA ILE D 103 2.49 -1.25 -8.11
CA ILE D 103 2.30 -1.50 -8.11
C ILE D 103 2.04 -2.66 -7.79
C ILE D 103 1.67 -2.84 -7.63
N LYS D 104 0.85 -3.00 -8.30
N LYS D 104 0.51 -3.23 -8.17
CA LYS D 104 0.25 -4.32 -8.10
CA LYS D 104 -0.08 -4.50 -7.75
C LYS D 104 1.17 -5.47 -8.52
C LYS D 104 0.84 -5.67 -8.15
N GLN D 105 1.86 -5.35 -9.65
N GLN D 105 1.52 -5.54 -9.28
CA GLN D 105 2.69 -6.46 -10.15
CA GLN D 105 2.39 -6.61 -9.79
C GLN D 105 3.87 -6.78 -9.23
C GLN D 105 3.61 -6.89 -8.90
N ILE D 106 4.20 -5.84 -8.34
CA ILE D 106 5.30 -6.00 -7.40
C ILE D 106 4.75 -6.45 -6.06
N ALA D 107 3.75 -5.71 -5.55
CA ALA D 107 3.22 -5.85 -4.18
C ALA D 107 2.43 -7.13 -3.88
N GLU D 108 1.61 -7.55 -4.84
CA GLU D 108 0.67 -8.62 -4.58
C GLU D 108 0.86 -9.75 -5.60
N SER D 109 0.27 -10.91 -5.33
CA SER D 109 0.43 -12.03 -6.27
C SER D 109 -0.58 -11.91 -7.41
#